data_4N08
#
_entry.id   4N08
#
_cell.length_a   60.084
_cell.length_b   60.084
_cell.length_c   192.856
_cell.angle_alpha   90.00
_cell.angle_beta   90.00
_cell.angle_gamma   90.00
#
_symmetry.space_group_name_H-M   'P 41 21 2'
#
loop_
_entity.id
_entity.type
_entity.pdbx_description
1 polymer 'Adenosine kinase'
2 water water
#
_entity_poly.entity_id   1
_entity_poly.type   'polypeptide(L)'
_entity_poly.pdbx_seq_one_letter_code
;GPAMSSAPLRVYVQCNPLLDVSAHVSDEFLVKYGLERGTAILLSERQKGIFDDIEKMPNVRYVPGGSGLNVARVAQWMQQ
AYKGKFVTYVGCIADDRYGKVLKEAAEHEGIVMAVEHTTKAGSGACAVCITGKERTLVADLGAANHLSSEHMRSPAVVRA
MDESRIFYFSGFTLTVDVNHVLQACRKAREVDGLFMINLSAPFIMQFFSAQLGEVLPYTDIIVANRHEAKEFANMMKWDT
DCVEEIARRAVSEVPYTGTKGRVVVFTRDIESTVLATKDGVETVPVPQLDQDKVIDMNGAGDAFMGGFLSAYAVGKDLRR
CCETGHYTAQEVIQRDGCSFPEKPSFSP
;
_entity_poly.pdbx_strand_id   A
#
# COMPACT_ATOMS: atom_id res chain seq x y z
N SER A 6 -10.34 19.89 12.54
CA SER A 6 -11.07 18.62 12.87
C SER A 6 -10.08 17.43 12.98
N ALA A 7 -10.06 16.80 14.15
CA ALA A 7 -9.14 15.68 14.45
C ALA A 7 -9.50 14.40 13.68
N PRO A 8 -8.52 13.84 12.95
CA PRO A 8 -8.82 12.67 12.13
C PRO A 8 -9.06 11.47 13.00
N LEU A 9 -9.89 10.56 12.53
CA LEU A 9 -9.96 9.27 13.19
C LEU A 9 -8.57 8.59 13.16
N ARG A 10 -8.32 7.73 14.14
CA ARG A 10 -7.05 7.03 14.27
C ARG A 10 -7.02 5.85 13.34
N VAL A 11 -5.93 5.76 12.57
CA VAL A 11 -5.80 4.83 11.44
C VAL A 11 -4.70 3.81 11.73
N TYR A 12 -4.98 2.54 11.49
CA TYR A 12 -3.99 1.49 11.65
C TYR A 12 -3.68 0.99 10.26
N VAL A 13 -2.39 1.04 9.89
CA VAL A 13 -1.89 0.56 8.60
C VAL A 13 -0.97 -0.64 8.79
N GLN A 14 -1.20 -1.70 8.03
CA GLN A 14 -0.28 -2.85 8.07
C GLN A 14 0.18 -3.23 6.66
N CYS A 15 1.49 -3.39 6.48
CA CYS A 15 2.08 -3.78 5.19
C CYS A 15 3.46 -4.47 5.39
N ASN A 16 4.21 -4.55 4.29
CA ASN A 16 5.57 -5.08 4.27
C ASN A 16 6.56 -3.92 4.11
N PRO A 17 7.18 -3.52 5.19
CA PRO A 17 8.03 -2.35 5.15
C PRO A 17 9.35 -2.62 4.43
N LEU A 18 9.82 -1.63 3.66
CA LEU A 18 11.05 -1.75 2.85
C LEU A 18 11.73 -0.42 2.91
N LEU A 19 13.06 -0.38 3.00
CA LEU A 19 13.75 0.89 2.79
C LEU A 19 13.92 1.08 1.30
N ASP A 20 13.44 2.21 0.79
CA ASP A 20 13.78 2.64 -0.60
C ASP A 20 15.21 3.24 -0.62
N VAL A 21 16.13 2.51 -1.23
CA VAL A 21 17.48 2.98 -1.47
C VAL A 21 17.49 3.45 -2.91
N SER A 22 17.39 4.76 -3.07
CA SER A 22 17.18 5.37 -4.39
C SER A 22 18.36 6.23 -4.82
N ALA A 23 18.79 6.04 -6.08
CA ALA A 23 19.81 6.90 -6.66
C ALA A 23 19.66 7.00 -8.15
N HIS A 24 20.08 8.17 -8.65
CA HIS A 24 20.31 8.33 -10.07
C HIS A 24 21.51 7.56 -10.38
N VAL A 25 21.38 6.74 -11.43
CA VAL A 25 22.45 5.83 -11.87
C VAL A 25 22.62 5.88 -13.37
N SER A 26 23.79 5.43 -13.81
CA SER A 26 24.08 5.41 -15.25
C SER A 26 23.37 4.24 -15.93
N ASP A 27 23.19 4.33 -17.25
CA ASP A 27 22.74 3.18 -18.07
C ASP A 27 23.63 1.92 -17.85
N GLU A 28 24.92 2.15 -17.70
CA GLU A 28 25.88 1.07 -17.44
C GLU A 28 25.50 0.27 -16.17
N PHE A 29 25.07 0.97 -15.14
CA PHE A 29 24.56 0.34 -13.91
C PHE A 29 23.47 -0.69 -14.23
N LEU A 30 22.49 -0.32 -15.04
CA LEU A 30 21.37 -1.22 -15.34
C LEU A 30 21.88 -2.44 -16.08
N VAL A 31 22.77 -2.23 -17.03
CA VAL A 31 23.29 -3.33 -17.81
C VAL A 31 24.10 -4.27 -16.89
N LYS A 32 24.88 -3.70 -15.97
CA LYS A 32 25.71 -4.47 -15.09
C LYS A 32 24.84 -5.45 -14.30
N TYR A 33 23.65 -5.03 -13.86
CA TYR A 33 22.82 -5.94 -13.10
C TYR A 33 21.70 -6.56 -13.89
N GLY A 34 21.76 -6.41 -15.20
CA GLY A 34 20.87 -7.14 -16.09
C GLY A 34 19.45 -6.66 -16.06
N LEU A 35 19.28 -5.35 -15.86
CA LEU A 35 17.96 -4.75 -15.58
C LEU A 35 17.33 -4.08 -16.81
N GLU A 36 16.10 -4.46 -17.07
CA GLU A 36 15.33 -3.94 -18.17
C GLU A 36 14.73 -2.65 -17.68
N ARG A 37 15.18 -1.55 -18.23
CA ARG A 37 14.74 -0.22 -17.78
C ARG A 37 13.22 -0.14 -17.58
N GLY A 38 12.80 0.46 -16.47
CA GLY A 38 11.37 0.67 -16.17
C GLY A 38 10.66 -0.56 -15.57
N THR A 39 11.34 -1.68 -15.40
CA THR A 39 10.67 -2.82 -14.82
C THR A 39 10.95 -2.88 -13.30
N ALA A 40 10.22 -3.78 -12.64
CA ALA A 40 10.29 -4.02 -11.24
C ALA A 40 10.39 -5.55 -11.04
N ILE A 41 11.40 -6.03 -10.29
CA ILE A 41 11.64 -7.46 -10.08
C ILE A 41 12.13 -7.70 -8.66
N LEU A 42 12.08 -8.96 -8.26
CA LEU A 42 12.68 -9.40 -7.03
C LEU A 42 14.17 -9.65 -7.22
N LEU A 43 14.96 -9.39 -6.19
CA LEU A 43 16.38 -9.68 -6.22
C LEU A 43 16.61 -11.17 -6.53
N SER A 44 17.49 -11.47 -7.48
CA SER A 44 17.93 -12.82 -7.83
C SER A 44 19.47 -12.84 -7.96
N GLU A 45 20.05 -14.02 -8.19
CA GLU A 45 21.52 -14.16 -8.31
C GLU A 45 22.11 -13.12 -9.25
N ARG A 46 21.37 -12.82 -10.32
CA ARG A 46 21.81 -11.92 -11.35
C ARG A 46 22.08 -10.49 -10.84
N GLN A 47 21.39 -10.09 -9.79
CA GLN A 47 21.50 -8.75 -9.22
C GLN A 47 22.31 -8.70 -7.93
N LYS A 48 23.04 -9.76 -7.61
CA LYS A 48 23.90 -9.77 -6.42
C LYS A 48 24.97 -8.69 -6.51
N GLY A 49 25.00 -7.83 -5.50
CA GLY A 49 25.91 -6.72 -5.42
C GLY A 49 25.21 -5.37 -5.56
N ILE A 50 23.97 -5.37 -6.03
CA ILE A 50 23.33 -4.12 -6.42
C ILE A 50 23.20 -3.13 -5.24
N PHE A 51 22.96 -3.61 -4.02
CA PHE A 51 22.78 -2.69 -2.90
C PHE A 51 24.11 -2.06 -2.47
N ASP A 52 25.14 -2.90 -2.41
CA ASP A 52 26.49 -2.44 -2.15
C ASP A 52 26.91 -1.34 -3.15
N ASP A 53 26.65 -1.54 -4.43
CA ASP A 53 27.03 -0.58 -5.47
C ASP A 53 26.23 0.67 -5.40
N ILE A 54 24.93 0.52 -5.19
CA ILE A 54 24.06 1.70 -5.21
C ILE A 54 24.40 2.63 -4.05
N GLU A 55 24.94 2.08 -2.98
CA GLU A 55 25.31 2.86 -1.79
C GLU A 55 26.54 3.72 -2.00
N LYS A 56 27.30 3.42 -3.04
CA LYS A 56 28.47 4.24 -3.44
C LYS A 56 28.07 5.42 -4.35
N MET A 57 26.82 5.54 -4.74
CA MET A 57 26.46 6.66 -5.60
C MET A 57 26.38 7.89 -4.68
N PRO A 58 27.03 8.98 -5.06
CA PRO A 58 27.06 10.12 -4.16
C PRO A 58 25.70 10.74 -3.88
N ASN A 59 24.71 10.43 -4.71
CA ASN A 59 23.38 11.03 -4.59
C ASN A 59 22.38 10.14 -3.89
N VAL A 60 22.78 8.93 -3.49
CA VAL A 60 21.85 7.99 -2.85
C VAL A 60 21.01 8.60 -1.73
N ARG A 61 19.75 8.22 -1.71
CA ARG A 61 18.84 8.57 -0.64
C ARG A 61 18.16 7.32 -0.07
N TYR A 62 17.86 7.40 1.24
CA TYR A 62 17.19 6.34 1.97
C TYR A 62 15.86 6.86 2.51
N VAL A 63 14.79 6.24 2.04
CA VAL A 63 13.45 6.64 2.35
C VAL A 63 12.57 5.44 2.76
N PRO A 64 11.80 5.57 3.84
CA PRO A 64 10.90 4.49 4.21
C PRO A 64 9.86 4.18 3.15
N GLY A 65 9.79 2.92 2.78
CA GLY A 65 9.00 2.47 1.65
C GLY A 65 8.20 1.20 1.87
N GLY A 66 7.82 0.60 0.76
CA GLY A 66 6.81 -0.42 0.77
C GLY A 66 5.48 0.28 0.61
N SER A 67 4.58 -0.36 -0.12
CA SER A 67 3.32 0.28 -0.49
C SER A 67 2.54 0.90 0.70
N GLY A 68 2.32 0.12 1.76
CA GLY A 68 1.50 0.62 2.89
C GLY A 68 2.23 1.70 3.71
N LEU A 69 3.53 1.60 3.79
CA LEU A 69 4.25 2.66 4.47
C LEU A 69 4.16 3.96 3.66
N ASN A 70 4.17 3.86 2.33
CA ASN A 70 3.98 5.07 1.50
C ASN A 70 2.57 5.73 1.68
N VAL A 71 1.53 4.90 1.73
CA VAL A 71 0.17 5.32 2.05
C VAL A 71 0.16 6.06 3.41
N ALA A 72 0.77 5.41 4.39
CA ALA A 72 0.83 5.95 5.73
C ALA A 72 1.51 7.32 5.73
N ARG A 73 2.60 7.45 4.97
CA ARG A 73 3.36 8.70 4.92
C ARG A 73 2.59 9.77 4.22
N VAL A 74 1.99 9.45 3.09
CA VAL A 74 1.14 10.43 2.43
C VAL A 74 -0.08 10.83 3.29
N ALA A 75 -0.70 9.86 3.97
CA ALA A 75 -1.86 10.19 4.79
C ALA A 75 -1.46 11.12 5.96
N GLN A 76 -0.34 10.79 6.63
CA GLN A 76 0.24 11.64 7.68
C GLN A 76 0.61 13.03 7.15
N TRP A 77 1.16 13.09 5.94
CA TRP A 77 1.54 14.36 5.33
C TRP A 77 0.36 15.27 5.20
N MET A 78 -0.82 14.71 4.91
CA MET A 78 -2.02 15.52 4.75
C MET A 78 -2.57 16.05 6.08
N GLN A 79 -2.01 15.65 7.23
CA GLN A 79 -2.52 16.05 8.56
C GLN A 79 -1.34 16.33 9.44
N GLN A 80 -0.59 17.33 9.04
CA GLN A 80 0.62 17.73 9.75
C GLN A 80 0.35 18.04 11.22
N ALA A 81 -0.82 18.62 11.49
CA ALA A 81 -1.21 18.99 12.85
C ALA A 81 -1.24 17.83 13.86
N TYR A 82 -1.29 16.57 13.40
CA TYR A 82 -1.52 15.44 14.31
C TYR A 82 -0.42 14.37 14.30
N LYS A 83 0.81 14.81 14.07
CA LYS A 83 1.99 13.95 14.24
C LYS A 83 1.87 13.21 15.57
N GLY A 84 2.25 11.93 15.55
CA GLY A 84 2.14 11.04 16.70
C GLY A 84 0.73 10.69 17.15
N LYS A 85 -0.29 11.20 16.47
CA LYS A 85 -1.64 11.17 17.01
C LYS A 85 -2.68 10.81 15.90
N PHE A 86 -2.23 10.10 14.87
CA PHE A 86 -3.10 9.76 13.74
C PHE A 86 -2.87 8.32 13.21
N VAL A 87 -1.71 8.09 12.63
CA VAL A 87 -1.44 6.80 11.97
C VAL A 87 -0.47 5.94 12.77
N THR A 88 -0.89 4.70 13.01
CA THR A 88 0.02 3.66 13.49
C THR A 88 0.31 2.65 12.38
N TYR A 89 1.57 2.35 12.17
CA TYR A 89 2.01 1.39 11.17
C TYR A 89 2.56 0.11 11.82
N VAL A 90 2.13 -1.04 11.32
CA VAL A 90 2.66 -2.31 11.77
C VAL A 90 3.27 -3.12 10.61
N GLY A 91 4.49 -3.62 10.86
CA GLY A 91 5.16 -4.51 9.93
C GLY A 91 6.43 -5.07 10.56
N CYS A 92 7.18 -5.88 9.83
CA CYS A 92 8.36 -6.46 10.41
C CYS A 92 9.66 -5.99 9.72
N ILE A 93 10.54 -5.33 10.49
CA ILE A 93 11.89 -5.02 10.02
C ILE A 93 12.89 -5.86 10.84
N ALA A 94 14.19 -5.55 10.66
CA ALA A 94 15.29 -6.11 11.44
C ALA A 94 16.00 -4.99 12.13
N ASP A 95 16.79 -5.34 13.12
CA ASP A 95 17.49 -4.30 13.85
C ASP A 95 18.89 -4.11 13.23
N ASP A 96 18.89 -3.37 12.10
CA ASP A 96 20.09 -3.12 11.29
C ASP A 96 20.06 -1.66 10.86
N ARG A 97 21.08 -1.19 10.14
CA ARG A 97 21.11 0.22 9.70
C ARG A 97 19.86 0.62 8.87
N TYR A 98 19.48 -0.16 7.87
CA TYR A 98 18.26 0.10 7.07
C TYR A 98 17.01 0.17 7.92
N GLY A 99 16.83 -0.83 8.79
CA GLY A 99 15.68 -0.80 9.70
C GLY A 99 15.70 0.40 10.63
N LYS A 100 16.91 0.84 10.96
CA LYS A 100 17.09 1.98 11.84
C LYS A 100 16.65 3.26 11.14
N VAL A 101 17.11 3.40 9.90
CA VAL A 101 16.74 4.54 9.06
C VAL A 101 15.25 4.56 8.77
N LEU A 102 14.75 3.41 8.36
CA LEU A 102 13.31 3.27 8.07
C LEU A 102 12.43 3.67 9.26
N LYS A 103 12.73 3.19 10.45
CA LYS A 103 11.89 3.46 11.61
C LYS A 103 11.95 4.91 12.07
N GLU A 104 13.18 5.43 12.23
CA GLU A 104 13.40 6.84 12.65
C GLU A 104 12.89 7.84 11.63
N ALA A 105 13.16 7.61 10.35
CA ALA A 105 12.60 8.55 9.32
C ALA A 105 11.08 8.61 9.38
N ALA A 106 10.46 7.43 9.44
CA ALA A 106 8.99 7.35 9.61
C ALA A 106 8.49 8.03 10.88
N GLU A 107 9.20 7.83 12.00
CA GLU A 107 8.82 8.50 13.26
C GLU A 107 8.93 9.99 13.17
N HIS A 108 10.04 10.48 12.62
CA HIS A 108 10.22 11.91 12.41
C HIS A 108 9.08 12.50 11.62
N GLU A 109 8.56 11.77 10.62
CA GLU A 109 7.40 12.24 9.85
C GLU A 109 6.05 12.21 10.62
N GLY A 110 6.01 11.60 11.79
CA GLY A 110 4.81 11.62 12.63
C GLY A 110 4.05 10.29 12.79
N ILE A 111 4.55 9.22 12.16
CA ILE A 111 3.96 7.89 12.23
C ILE A 111 4.46 7.08 13.44
N VAL A 112 3.52 6.45 14.18
CA VAL A 112 3.89 5.62 15.29
C VAL A 112 4.22 4.28 14.71
N MET A 113 5.48 3.92 14.81
CA MET A 113 5.94 2.70 14.18
C MET A 113 5.93 1.52 15.15
N ALA A 114 4.86 0.72 15.15
CA ALA A 114 4.73 -0.47 16.02
C ALA A 114 5.21 -1.71 15.31
N VAL A 115 6.46 -1.65 14.88
CA VAL A 115 7.05 -2.66 14.07
C VAL A 115 7.78 -3.66 14.94
N GLU A 116 7.89 -4.88 14.42
CA GLU A 116 8.66 -5.95 15.01
C GLU A 116 10.10 -5.82 14.50
N HIS A 117 11.04 -6.22 15.33
CA HIS A 117 12.41 -6.37 14.91
C HIS A 117 12.70 -7.84 14.92
N THR A 118 12.78 -8.47 13.75
CA THR A 118 13.06 -9.90 13.67
C THR A 118 14.57 -10.22 13.55
N THR A 119 14.92 -11.47 13.81
CA THR A 119 16.32 -11.93 13.63
C THR A 119 16.44 -12.92 12.49
N LYS A 120 15.30 -13.21 11.87
CA LYS A 120 15.20 -14.21 10.83
C LYS A 120 15.71 -13.72 9.45
N ALA A 121 15.92 -12.42 9.30
CA ALA A 121 16.36 -11.82 8.04
C ALA A 121 16.71 -10.34 8.25
N GLY A 122 17.47 -9.73 7.34
CA GLY A 122 17.68 -8.28 7.33
C GLY A 122 16.45 -7.49 6.83
N SER A 123 16.39 -6.19 7.15
CA SER A 123 15.25 -5.39 6.74
C SER A 123 15.02 -5.39 5.23
N GLY A 124 13.75 -5.42 4.82
CA GLY A 124 13.40 -5.33 3.39
C GLY A 124 13.94 -4.05 2.76
N ALA A 125 14.21 -4.10 1.47
CA ALA A 125 14.67 -2.94 0.79
C ALA A 125 14.39 -3.01 -0.70
N CYS A 126 14.32 -1.86 -1.33
CA CYS A 126 14.17 -1.83 -2.76
C CYS A 126 15.18 -0.84 -3.34
N ALA A 127 16.00 -1.32 -4.24
CA ALA A 127 16.90 -0.46 -4.99
C ALA A 127 16.08 0.26 -6.05
N VAL A 128 15.93 1.56 -5.90
CA VAL A 128 15.19 2.37 -6.86
C VAL A 128 16.24 3.04 -7.77
N CYS A 129 16.46 2.45 -8.94
CA CYS A 129 17.45 2.90 -9.89
C CYS A 129 16.83 3.91 -10.83
N ILE A 130 17.14 5.20 -10.63
CA ILE A 130 16.60 6.28 -11.38
C ILE A 130 17.49 6.62 -12.59
N THR A 131 16.85 6.68 -13.75
CA THR A 131 17.46 7.13 -14.99
C THR A 131 16.44 8.06 -15.66
N GLY A 132 16.66 9.37 -15.52
CA GLY A 132 15.70 10.40 -15.90
C GLY A 132 14.37 10.26 -15.18
N LYS A 133 13.30 10.14 -15.96
CA LYS A 133 11.94 9.99 -15.44
C LYS A 133 11.55 8.50 -15.31
N GLU A 134 12.53 7.61 -15.52
CA GLU A 134 12.34 6.18 -15.40
C GLU A 134 13.00 5.65 -14.13
N ARG A 135 12.26 4.72 -13.50
CA ARG A 135 12.64 4.01 -12.32
C ARG A 135 12.61 2.52 -12.62
N THR A 136 13.71 1.85 -12.34
CA THR A 136 13.81 0.37 -12.43
C THR A 136 13.96 -0.15 -10.99
N LEU A 137 13.12 -1.07 -10.55
CA LEU A 137 13.12 -1.50 -9.14
C LEU A 137 13.65 -2.90 -8.93
N VAL A 138 14.47 -3.08 -7.89
CA VAL A 138 14.92 -4.41 -7.45
C VAL A 138 14.66 -4.61 -5.93
N ALA A 139 13.72 -5.51 -5.62
CA ALA A 139 13.20 -5.63 -4.29
C ALA A 139 13.65 -6.91 -3.63
N ASP A 140 13.95 -6.82 -2.34
CA ASP A 140 14.12 -7.98 -1.49
C ASP A 140 13.25 -7.75 -0.24
N LEU A 141 12.22 -8.58 -0.07
CA LEU A 141 11.32 -8.46 1.10
C LEU A 141 12.01 -8.66 2.48
N GLY A 142 13.07 -9.44 2.55
CA GLY A 142 13.81 -9.51 3.78
C GLY A 142 12.90 -9.84 4.96
N ALA A 143 13.07 -9.10 6.05
CA ALA A 143 12.31 -9.28 7.29
C ALA A 143 10.75 -9.19 7.20
N ALA A 144 10.27 -8.46 6.19
CA ALA A 144 8.85 -8.21 6.09
C ALA A 144 8.11 -9.55 6.06
N ASN A 145 8.73 -10.57 5.46
CA ASN A 145 8.12 -11.87 5.32
C ASN A 145 7.96 -12.64 6.59
N HIS A 146 8.54 -12.13 7.66
CA HIS A 146 8.64 -12.89 8.92
C HIS A 146 7.84 -12.30 10.06
N LEU A 147 6.88 -11.43 9.77
CA LEU A 147 6.06 -10.85 10.80
C LEU A 147 5.33 -11.98 11.51
N SER A 148 5.47 -11.98 12.86
CA SER A 148 5.16 -13.12 13.67
C SER A 148 3.84 -12.96 14.38
N SER A 149 3.15 -14.07 14.64
CA SER A 149 2.01 -14.07 15.58
C SER A 149 2.34 -13.47 16.93
N GLU A 150 3.58 -13.70 17.38
CA GLU A 150 3.94 -13.20 18.71
C GLU A 150 3.92 -11.67 18.74
N HIS A 151 4.39 -11.01 17.68
CA HIS A 151 4.32 -9.56 17.62
C HIS A 151 2.88 -9.09 17.52
N MET A 152 2.10 -9.80 16.70
CA MET A 152 0.68 -9.44 16.51
C MET A 152 -0.14 -9.46 17.81
N ARG A 153 0.30 -10.22 18.79
CA ARG A 153 -0.37 -10.32 20.08
C ARG A 153 0.41 -9.58 21.19
N SER A 154 1.39 -8.76 20.80
CA SER A 154 2.14 -7.94 21.76
C SER A 154 1.25 -6.77 22.20
N PRO A 155 1.39 -6.31 23.44
CA PRO A 155 0.48 -5.27 23.93
C PRO A 155 0.45 -3.99 23.09
N ALA A 156 1.57 -3.65 22.45
CA ALA A 156 1.61 -2.41 21.65
C ALA A 156 0.68 -2.52 20.42
N VAL A 157 0.74 -3.65 19.77
CA VAL A 157 -0.08 -3.87 18.61
C VAL A 157 -1.55 -4.03 18.99
N VAL A 158 -1.82 -4.76 20.08
CA VAL A 158 -3.21 -4.94 20.55
C VAL A 158 -3.81 -3.59 20.99
N ARG A 159 -3.03 -2.77 21.68
CA ARG A 159 -3.49 -1.45 22.08
C ARG A 159 -3.68 -0.59 20.88
N ALA A 160 -2.74 -0.62 19.93
CA ALA A 160 -2.92 0.18 18.69
C ALA A 160 -4.20 -0.19 17.90
N MET A 161 -4.47 -1.49 17.80
CA MET A 161 -5.74 -1.93 17.23
C MET A 161 -6.91 -1.43 18.07
N ASP A 162 -6.87 -1.64 19.39
CA ASP A 162 -7.94 -1.16 20.30
C ASP A 162 -8.27 0.34 20.14
N GLU A 163 -7.24 1.13 19.90
CA GLU A 163 -7.34 2.58 19.85
C GLU A 163 -7.58 3.20 18.44
N SER A 164 -7.56 2.37 17.39
CA SER A 164 -7.83 2.82 16.02
C SER A 164 -9.27 2.51 15.61
N ARG A 165 -9.72 3.18 14.55
CA ARG A 165 -11.08 3.05 14.04
C ARG A 165 -11.16 2.77 12.52
N ILE A 166 -10.09 3.11 11.80
CA ILE A 166 -9.90 2.69 10.42
C ILE A 166 -8.68 1.80 10.30
N PHE A 167 -8.86 0.66 9.67
CA PHE A 167 -7.83 -0.36 9.46
C PHE A 167 -7.57 -0.53 7.98
N TYR A 168 -6.33 -0.32 7.58
CA TYR A 168 -5.96 -0.47 6.18
C TYR A 168 -4.84 -1.51 5.96
N PHE A 169 -5.12 -2.54 5.15
CA PHE A 169 -4.17 -3.60 4.85
C PHE A 169 -3.91 -3.70 3.33
N SER A 170 -2.66 -3.70 2.93
CA SER A 170 -2.35 -3.99 1.54
C SER A 170 -2.60 -5.48 1.24
N GLY A 171 -2.86 -5.77 -0.01
CA GLY A 171 -2.99 -7.15 -0.42
C GLY A 171 -1.75 -8.01 -0.15
N PHE A 172 -0.56 -7.36 -0.11
CA PHE A 172 0.71 -8.06 0.15
C PHE A 172 0.74 -8.73 1.53
N THR A 173 -0.03 -8.20 2.47
CA THR A 173 -0.11 -8.79 3.79
C THR A 173 -0.61 -10.23 3.71
N LEU A 174 -1.37 -10.54 2.67
CA LEU A 174 -1.97 -11.85 2.47
C LEU A 174 -0.94 -12.89 2.01
N THR A 175 0.25 -12.45 1.61
CA THR A 175 1.34 -13.33 1.18
C THR A 175 2.20 -13.74 2.35
N VAL A 176 2.07 -13.04 3.46
CA VAL A 176 2.84 -13.35 4.63
C VAL A 176 2.10 -14.36 5.48
N ASP A 177 1.05 -13.95 6.16
CA ASP A 177 0.19 -14.84 6.98
C ASP A 177 -1.21 -14.26 7.14
N VAL A 178 -2.18 -14.92 6.51
CA VAL A 178 -3.54 -14.42 6.52
C VAL A 178 -4.16 -14.24 7.96
N ASN A 179 -3.60 -14.93 8.96
CA ASN A 179 -4.12 -14.88 10.32
C ASN A 179 -3.84 -13.55 11.03
N HIS A 180 -2.72 -12.94 10.68
CA HIS A 180 -2.41 -11.60 11.19
C HIS A 180 -3.46 -10.62 10.71
N VAL A 181 -3.91 -10.79 9.46
CA VAL A 181 -4.97 -9.97 8.88
C VAL A 181 -6.33 -10.24 9.51
N LEU A 182 -6.66 -11.53 9.71
CA LEU A 182 -7.97 -11.85 10.30
C LEU A 182 -8.10 -11.36 11.71
N GLN A 183 -6.97 -11.30 12.45
CA GLN A 183 -6.95 -10.67 13.79
C GLN A 183 -7.47 -9.21 13.77
N ALA A 184 -6.92 -8.41 12.85
CA ALA A 184 -7.35 -7.03 12.70
C ALA A 184 -8.82 -6.95 12.27
N CYS A 185 -9.28 -7.88 11.41
CA CYS A 185 -10.69 -7.90 11.00
C CYS A 185 -11.58 -8.09 12.24
N ARG A 186 -11.19 -8.99 13.12
CA ARG A 186 -11.90 -9.14 14.40
C ARG A 186 -11.90 -7.85 15.25
N LYS A 187 -10.74 -7.19 15.33
CA LYS A 187 -10.61 -5.95 16.08
C LYS A 187 -11.45 -4.84 15.51
N ALA A 188 -11.55 -4.78 14.19
CA ALA A 188 -12.39 -3.79 13.55
C ALA A 188 -13.81 -4.03 13.93
N ARG A 189 -14.21 -5.29 13.98
CA ARG A 189 -15.54 -5.63 14.51
C ARG A 189 -15.77 -5.16 15.93
N GLU A 190 -14.76 -5.29 16.81
CA GLU A 190 -14.89 -4.94 18.23
C GLU A 190 -15.05 -3.44 18.44
N VAL A 191 -14.20 -2.67 17.75
CA VAL A 191 -14.18 -1.22 17.90
C VAL A 191 -15.20 -0.52 17.01
N ASP A 192 -16.03 -1.32 16.33
CA ASP A 192 -16.97 -0.82 15.35
C ASP A 192 -16.28 0.10 14.34
N GLY A 193 -15.14 -0.36 13.83
CA GLY A 193 -14.34 0.44 12.94
C GLY A 193 -14.60 0.02 11.52
N LEU A 194 -13.67 0.41 10.66
CA LEU A 194 -13.78 0.25 9.24
C LEU A 194 -12.60 -0.54 8.73
N PHE A 195 -12.82 -1.60 7.97
CA PHE A 195 -11.71 -2.38 7.41
C PHE A 195 -11.60 -2.19 5.88
N MET A 196 -10.40 -1.85 5.42
CA MET A 196 -10.15 -1.58 3.99
C MET A 196 -8.96 -2.39 3.52
N ILE A 197 -9.09 -2.99 2.32
CA ILE A 197 -7.94 -3.53 1.62
C ILE A 197 -7.73 -2.91 0.27
N ASN A 198 -6.46 -2.81 -0.08
CA ASN A 198 -6.00 -2.56 -1.42
C ASN A 198 -5.64 -3.91 -2.05
N LEU A 199 -5.99 -4.13 -3.31
CA LEU A 199 -5.77 -5.43 -3.93
C LEU A 199 -4.30 -5.59 -4.31
N SER A 200 -3.60 -4.45 -4.33
CA SER A 200 -2.15 -4.39 -4.44
C SER A 200 -1.49 -4.74 -5.77
N ALA A 201 -1.77 -5.94 -6.25
CA ALA A 201 -1.13 -6.47 -7.46
C ALA A 201 -1.98 -7.66 -7.96
N PRO A 202 -2.10 -7.85 -9.29
CA PRO A 202 -2.88 -8.96 -9.88
C PRO A 202 -2.47 -10.36 -9.39
N PHE A 203 -1.19 -10.59 -9.21
CA PHE A 203 -0.80 -11.90 -8.69
C PHE A 203 -1.45 -12.27 -7.32
N ILE A 204 -1.84 -11.28 -6.52
CA ILE A 204 -2.51 -11.56 -5.27
C ILE A 204 -3.78 -12.42 -5.49
N MET A 205 -4.61 -12.00 -6.45
CA MET A 205 -5.84 -12.69 -6.84
C MET A 205 -5.55 -14.01 -7.57
N GLN A 206 -4.44 -14.09 -8.25
CA GLN A 206 -4.16 -15.31 -9.00
C GLN A 206 -3.58 -16.41 -8.11
N PHE A 207 -2.73 -16.03 -7.15
CA PHE A 207 -1.97 -16.97 -6.31
C PHE A 207 -2.34 -16.97 -4.82
N PHE A 208 -3.08 -15.99 -4.36
CA PHE A 208 -3.40 -15.92 -2.94
C PHE A 208 -4.91 -15.68 -2.78
N SER A 209 -5.68 -16.27 -3.68
CA SER A 209 -7.14 -16.14 -3.68
C SER A 209 -7.79 -16.74 -2.43
N ALA A 210 -7.22 -17.84 -1.93
CA ALA A 210 -7.77 -18.49 -0.71
C ALA A 210 -7.65 -17.55 0.49
N GLN A 211 -6.51 -16.88 0.60
CA GLN A 211 -6.29 -15.94 1.69
C GLN A 211 -7.20 -14.74 1.55
N LEU A 212 -7.27 -14.20 0.33
CA LEU A 212 -8.13 -13.05 0.06
C LEU A 212 -9.59 -13.40 0.35
N GLY A 213 -9.98 -14.61 -0.07
CA GLY A 213 -11.30 -15.13 0.23
C GLY A 213 -11.72 -15.05 1.69
N GLU A 214 -10.80 -15.35 2.60
CA GLU A 214 -11.08 -15.37 4.05
C GLU A 214 -11.34 -14.00 4.62
N VAL A 215 -10.73 -12.99 4.01
CA VAL A 215 -10.75 -11.61 4.49
C VAL A 215 -11.89 -10.80 3.92
N LEU A 216 -12.31 -11.15 2.70
CA LEU A 216 -13.29 -10.37 1.98
C LEU A 216 -14.58 -10.12 2.76
N PRO A 217 -15.13 -11.13 3.47
CA PRO A 217 -16.38 -10.86 4.15
C PRO A 217 -16.35 -9.75 5.16
N TYR A 218 -15.17 -9.53 5.71
CA TYR A 218 -14.96 -8.46 6.70
C TYR A 218 -14.60 -7.13 6.09
N THR A 219 -14.41 -7.09 4.79
CA THR A 219 -13.89 -5.89 4.14
C THR A 219 -15.02 -4.94 3.73
N ASP A 220 -15.02 -3.77 4.37
CA ASP A 220 -15.96 -2.67 4.08
C ASP A 220 -15.60 -1.96 2.79
N ILE A 221 -14.33 -1.68 2.58
CA ILE A 221 -13.91 -0.96 1.39
C ILE A 221 -12.85 -1.76 0.66
N ILE A 222 -13.09 -2.01 -0.62
CA ILE A 222 -12.09 -2.64 -1.49
C ILE A 222 -11.57 -1.62 -2.50
N VAL A 223 -10.25 -1.42 -2.53
CA VAL A 223 -9.58 -0.51 -3.51
C VAL A 223 -8.61 -1.28 -4.42
N ALA A 224 -8.59 -0.90 -5.69
CA ALA A 224 -7.76 -1.57 -6.71
C ALA A 224 -7.66 -0.74 -7.99
N ASN A 225 -6.68 -1.07 -8.83
CA ASN A 225 -6.62 -0.50 -10.15
C ASN A 225 -7.27 -1.47 -11.15
N ARG A 226 -7.32 -1.02 -12.39
CA ARG A 226 -7.94 -1.73 -13.48
C ARG A 226 -7.46 -3.18 -13.60
N HIS A 227 -6.16 -3.41 -13.56
CA HIS A 227 -5.65 -4.77 -13.83
C HIS A 227 -5.91 -5.70 -12.66
N GLU A 228 -5.89 -5.15 -11.45
CA GLU A 228 -6.22 -5.87 -10.22
C GLU A 228 -7.72 -6.20 -10.17
N ALA A 229 -8.56 -5.21 -10.49
CA ALA A 229 -10.03 -5.41 -10.72
C ALA A 229 -10.33 -6.52 -11.72
N LYS A 230 -9.58 -6.55 -12.80
CA LYS A 230 -9.77 -7.56 -13.81
C LYS A 230 -9.31 -8.94 -13.34
N GLU A 231 -8.19 -8.99 -12.61
CA GLU A 231 -7.78 -10.28 -12.08
C GLU A 231 -8.74 -10.74 -10.97
N PHE A 232 -9.34 -9.77 -10.27
CA PHE A 232 -10.37 -10.07 -9.30
C PHE A 232 -11.56 -10.74 -10.02
N ALA A 233 -12.04 -10.13 -11.10
CA ALA A 233 -13.02 -10.73 -12.00
C ALA A 233 -12.67 -12.15 -12.38
N ASN A 234 -11.45 -12.35 -12.85
CA ASN A 234 -11.02 -13.74 -13.21
C ASN A 234 -11.16 -14.72 -12.04
N MET A 235 -10.75 -14.28 -10.85
CA MET A 235 -10.80 -15.09 -9.64
C MET A 235 -12.23 -15.46 -9.25
N MET A 236 -13.16 -14.53 -9.42
CA MET A 236 -14.57 -14.79 -9.13
C MET A 236 -15.28 -15.50 -10.30
N LYS A 237 -14.57 -15.85 -11.36
CA LYS A 237 -15.19 -16.35 -12.59
C LYS A 237 -16.26 -15.39 -13.16
N TRP A 238 -16.05 -14.10 -12.98
CA TRP A 238 -16.83 -13.06 -13.66
C TRP A 238 -16.21 -12.74 -14.99
N ASP A 239 -16.83 -13.26 -16.04
CA ASP A 239 -16.28 -13.11 -17.37
C ASP A 239 -16.76 -11.78 -18.02
N THR A 240 -16.02 -10.71 -17.76
CA THR A 240 -16.36 -9.39 -18.30
C THR A 240 -15.10 -8.50 -18.35
N ASP A 241 -15.09 -7.49 -19.19
CA ASP A 241 -14.01 -6.51 -19.14
C ASP A 241 -14.49 -5.19 -18.63
N CYS A 242 -15.76 -5.11 -18.25
CA CYS A 242 -16.29 -3.87 -17.79
C CYS A 242 -16.01 -3.68 -16.30
N VAL A 243 -15.18 -2.70 -15.98
CA VAL A 243 -14.76 -2.44 -14.59
C VAL A 243 -15.95 -1.98 -13.74
N GLU A 244 -16.88 -1.27 -14.37
CA GLU A 244 -18.10 -0.84 -13.64
C GLU A 244 -18.93 -2.06 -13.21
N GLU A 245 -19.03 -3.05 -14.10
CA GLU A 245 -19.73 -4.29 -13.76
C GLU A 245 -19.03 -5.02 -12.63
N ILE A 246 -17.70 -5.05 -12.69
CA ILE A 246 -16.91 -5.70 -11.65
C ILE A 246 -17.17 -5.02 -10.30
N ALA A 247 -17.23 -3.70 -10.30
CA ALA A 247 -17.52 -2.97 -9.08
C ALA A 247 -18.90 -3.31 -8.54
N ARG A 248 -19.95 -3.38 -9.40
CA ARG A 248 -21.30 -3.72 -8.90
C ARG A 248 -21.31 -5.08 -8.23
N ARG A 249 -20.68 -6.05 -8.88
CA ARG A 249 -20.69 -7.39 -8.34
C ARG A 249 -19.88 -7.45 -7.05
N ALA A 250 -18.82 -6.65 -6.95
CA ALA A 250 -17.97 -6.71 -5.78
C ALA A 250 -18.76 -6.19 -4.60
N VAL A 251 -19.63 -5.22 -4.88
CA VAL A 251 -20.51 -4.69 -3.84
C VAL A 251 -21.53 -5.72 -3.36
N SER A 252 -22.21 -6.38 -4.28
CA SER A 252 -23.45 -7.06 -3.94
C SER A 252 -23.34 -8.57 -4.00
N GLU A 253 -22.31 -9.07 -4.66
CA GLU A 253 -22.16 -10.50 -4.90
C GLU A 253 -20.97 -11.14 -4.15
N VAL A 254 -20.07 -10.35 -3.59
CA VAL A 254 -19.02 -10.88 -2.74
C VAL A 254 -19.57 -10.84 -1.33
N PRO A 255 -19.45 -11.95 -0.60
CA PRO A 255 -20.00 -11.99 0.76
C PRO A 255 -19.61 -10.76 1.57
N TYR A 256 -20.55 -10.26 2.36
CA TYR A 256 -20.29 -9.17 3.25
C TYR A 256 -21.05 -9.34 4.54
N THR A 257 -20.32 -9.32 5.65
CA THR A 257 -20.90 -9.50 6.98
C THR A 257 -20.85 -8.21 7.82
N GLY A 258 -20.41 -7.09 7.26
CA GLY A 258 -20.35 -5.85 8.03
C GLY A 258 -21.67 -5.09 8.11
N THR A 259 -21.61 -3.92 8.75
CA THR A 259 -22.76 -3.09 9.04
C THR A 259 -22.61 -1.68 8.49
N LYS A 260 -21.39 -1.25 8.20
CA LYS A 260 -21.17 0.08 7.62
C LYS A 260 -21.64 0.22 6.16
N GLY A 261 -21.54 -0.87 5.39
CA GLY A 261 -21.87 -0.83 3.96
C GLY A 261 -20.61 -1.06 3.15
N ARG A 262 -20.70 -1.81 2.05
CA ARG A 262 -19.54 -2.04 1.22
C ARG A 262 -19.33 -0.97 0.18
N VAL A 263 -18.08 -0.57 0.00
CA VAL A 263 -17.71 0.42 -1.01
C VAL A 263 -16.58 -0.15 -1.85
N VAL A 264 -16.65 0.07 -3.16
CA VAL A 264 -15.63 -0.41 -4.10
C VAL A 264 -15.12 0.77 -4.90
N VAL A 265 -13.79 0.90 -4.93
CA VAL A 265 -13.13 1.95 -5.65
C VAL A 265 -12.13 1.32 -6.61
N PHE A 266 -12.46 1.31 -7.91
CA PHE A 266 -11.51 0.92 -8.92
C PHE A 266 -10.97 2.09 -9.71
N THR A 267 -9.66 2.34 -9.58
CA THR A 267 -8.97 3.37 -10.38
C THR A 267 -8.69 2.79 -11.77
N ARG A 268 -8.59 3.65 -12.78
CA ARG A 268 -8.50 3.19 -14.17
C ARG A 268 -7.52 3.99 -14.98
N ASP A 269 -6.39 4.33 -14.38
CA ASP A 269 -5.31 5.02 -15.07
C ASP A 269 -5.82 6.17 -15.94
N ILE A 270 -5.69 6.01 -17.26
CA ILE A 270 -6.07 7.09 -18.20
C ILE A 270 -7.58 7.41 -18.09
N GLU A 271 -8.38 6.49 -17.54
CA GLU A 271 -9.85 6.66 -17.44
C GLU A 271 -10.36 6.97 -16.02
N SER A 272 -11.64 7.32 -15.93
CA SER A 272 -12.20 7.81 -14.70
C SER A 272 -12.23 6.71 -13.64
N THR A 273 -12.10 7.10 -12.38
CA THR A 273 -12.19 6.17 -11.28
C THR A 273 -13.65 5.74 -11.09
N VAL A 274 -13.85 4.47 -10.78
CA VAL A 274 -15.17 3.90 -10.54
C VAL A 274 -15.43 3.82 -9.03
N LEU A 275 -16.58 4.32 -8.63
CA LEU A 275 -17.00 4.30 -7.24
C LEU A 275 -18.39 3.63 -7.12
N ALA A 276 -18.46 2.57 -6.33
CA ALA A 276 -19.64 1.76 -6.23
C ALA A 276 -20.03 1.46 -4.79
N THR A 277 -21.32 1.38 -4.54
CA THR A 277 -21.90 1.03 -3.25
C THR A 277 -23.26 0.41 -3.56
N LYS A 278 -24.06 0.17 -2.50
CA LYS A 278 -25.40 -0.45 -2.67
C LYS A 278 -26.34 0.51 -3.39
N ASP A 279 -26.06 1.80 -3.30
CA ASP A 279 -26.88 2.80 -3.95
C ASP A 279 -26.55 3.04 -5.45
N GLY A 280 -25.55 2.34 -6.00
CA GLY A 280 -25.17 2.44 -7.43
C GLY A 280 -23.71 2.78 -7.72
N VAL A 281 -23.40 2.97 -9.01
CA VAL A 281 -22.05 3.25 -9.50
C VAL A 281 -21.94 4.67 -10.07
N GLU A 282 -20.85 5.37 -9.72
CA GLU A 282 -20.55 6.72 -10.26
C GLU A 282 -19.14 6.62 -10.80
N THR A 283 -18.76 7.59 -11.59
CA THR A 283 -17.37 7.70 -12.04
C THR A 283 -16.89 9.05 -11.63
N VAL A 284 -15.58 9.13 -11.42
CA VAL A 284 -14.93 10.31 -10.89
C VAL A 284 -13.83 10.67 -11.86
N PRO A 285 -14.01 11.75 -12.62
CA PRO A 285 -13.06 12.12 -13.63
C PRO A 285 -11.66 12.27 -13.11
N VAL A 286 -10.69 12.02 -14.00
CA VAL A 286 -9.25 12.15 -13.68
C VAL A 286 -8.62 13.09 -14.72
N PRO A 287 -7.51 13.72 -14.36
CA PRO A 287 -6.68 14.44 -15.34
C PRO A 287 -6.08 13.50 -16.37
N GLN A 288 -5.95 13.99 -17.61
CA GLN A 288 -5.03 13.43 -18.60
C GLN A 288 -3.59 13.81 -18.22
N LEU A 289 -2.90 12.92 -17.49
CA LEU A 289 -1.52 13.14 -17.05
C LEU A 289 -0.62 13.25 -18.28
N ASP A 290 -0.38 14.48 -18.70
CA ASP A 290 0.43 14.75 -19.88
C ASP A 290 1.62 15.62 -19.46
N GLN A 291 2.85 15.15 -19.64
CA GLN A 291 3.21 13.89 -20.34
C GLN A 291 4.72 13.72 -20.27
N ASP A 292 5.43 14.83 -20.50
CA ASP A 292 6.82 15.00 -20.06
C ASP A 292 6.88 15.52 -18.59
N LYS A 293 5.97 15.01 -17.75
CA LYS A 293 5.88 15.38 -16.33
C LYS A 293 5.82 14.16 -15.37
N VAL A 294 5.33 13.01 -15.86
CA VAL A 294 5.12 11.80 -15.04
C VAL A 294 6.39 11.08 -14.56
N ILE A 295 7.03 11.62 -13.51
CA ILE A 295 8.31 11.10 -12.98
C ILE A 295 8.24 9.79 -12.16
N ASP A 296 7.17 9.61 -11.36
CA ASP A 296 7.05 8.46 -10.44
C ASP A 296 5.78 7.64 -10.68
N MET A 297 5.63 7.13 -11.91
CA MET A 297 4.52 6.24 -12.28
C MET A 297 4.33 5.03 -11.34
N ASN A 298 5.40 4.64 -10.63
CA ASN A 298 5.37 3.47 -9.73
C ASN A 298 4.60 3.69 -8.40
N GLY A 299 4.72 4.89 -7.81
CA GLY A 299 4.10 5.17 -6.52
C GLY A 299 2.72 5.81 -6.57
N ALA A 300 2.11 5.84 -7.75
CA ALA A 300 0.85 6.57 -7.95
C ALA A 300 -0.24 5.98 -7.08
N GLY A 301 -0.39 4.66 -7.13
CA GLY A 301 -1.44 3.99 -6.37
C GLY A 301 -1.32 4.18 -4.87
N ASP A 302 -0.08 4.16 -4.36
CA ASP A 302 0.13 4.35 -2.92
C ASP A 302 -0.34 5.76 -2.52
N ALA A 303 0.08 6.75 -3.30
CA ALA A 303 -0.24 8.16 -3.08
C ALA A 303 -1.75 8.35 -3.13
N PHE A 304 -2.40 7.75 -4.11
CA PHE A 304 -3.87 7.79 -4.17
C PHE A 304 -4.52 7.26 -2.89
N MET A 305 -4.12 6.08 -2.48
CA MET A 305 -4.69 5.47 -1.30
C MET A 305 -4.46 6.35 -0.09
N GLY A 306 -3.28 6.96 0.00
CA GLY A 306 -2.94 7.83 1.13
C GLY A 306 -3.82 9.05 1.24
N GLY A 307 -4.11 9.69 0.10
CA GLY A 307 -5.06 10.83 0.03
C GLY A 307 -6.46 10.39 0.41
N PHE A 308 -6.88 9.27 -0.18
CA PHE A 308 -8.19 8.70 0.10
C PHE A 308 -8.39 8.52 1.57
N LEU A 309 -7.40 7.91 2.19
CA LEU A 309 -7.43 7.52 3.59
C LEU A 309 -7.45 8.71 4.53
N SER A 310 -6.68 9.77 4.22
CA SER A 310 -6.70 10.99 5.03
C SER A 310 -8.04 11.74 4.92
N ALA A 311 -8.68 11.74 3.75
CA ALA A 311 -10.00 12.35 3.64
C ALA A 311 -11.06 11.52 4.35
N TYR A 312 -10.93 10.20 4.30
CA TYR A 312 -11.93 9.33 4.93
C TYR A 312 -11.83 9.50 6.47
N ALA A 313 -10.61 9.70 6.95
CA ALA A 313 -10.38 9.82 8.40
C ALA A 313 -10.96 11.08 9.05
N VAL A 314 -11.19 12.11 8.22
CA VAL A 314 -11.69 13.39 8.70
C VAL A 314 -13.16 13.53 8.33
N GLY A 315 -13.78 12.47 7.80
CA GLY A 315 -15.22 12.45 7.55
C GLY A 315 -15.73 12.93 6.21
N LYS A 316 -14.84 13.12 5.22
CA LYS A 316 -15.30 13.51 3.85
C LYS A 316 -16.11 12.36 3.21
N ASP A 317 -17.12 12.68 2.39
CA ASP A 317 -17.87 11.65 1.68
C ASP A 317 -17.03 11.03 0.57
N LEU A 318 -17.60 10.04 -0.09
CA LEU A 318 -16.81 9.14 -0.89
C LEU A 318 -16.22 9.76 -2.13
N ARG A 319 -16.96 10.68 -2.76
CA ARG A 319 -16.44 11.29 -4.01
C ARG A 319 -15.23 12.15 -3.70
N ARG A 320 -15.29 12.91 -2.62
CA ARG A 320 -14.13 13.74 -2.20
C ARG A 320 -12.95 12.93 -1.62
N CYS A 321 -13.23 11.80 -1.03
CA CYS A 321 -12.16 10.83 -0.73
C CYS A 321 -11.40 10.46 -2.02
N CYS A 322 -12.15 10.15 -3.09
CA CYS A 322 -11.52 9.80 -4.36
C CYS A 322 -10.73 10.98 -4.92
N GLU A 323 -11.33 12.17 -4.79
CA GLU A 323 -10.76 13.39 -5.36
C GLU A 323 -9.54 13.80 -4.58
N THR A 324 -9.53 13.55 -3.27
CA THR A 324 -8.35 13.84 -2.51
C THR A 324 -7.25 12.90 -2.99
N GLY A 325 -7.60 11.65 -3.25
CA GLY A 325 -6.66 10.68 -3.73
C GLY A 325 -6.10 11.04 -5.08
N HIS A 326 -6.94 11.52 -6.00
CA HIS A 326 -6.39 11.92 -7.31
C HIS A 326 -5.34 13.04 -7.16
N TYR A 327 -5.63 13.96 -6.26
CA TYR A 327 -4.79 15.08 -6.02
C TYR A 327 -3.44 14.63 -5.48
N THR A 328 -3.43 13.83 -4.42
CA THR A 328 -2.14 13.36 -3.87
C THR A 328 -1.37 12.47 -4.86
N ALA A 329 -2.07 11.72 -5.73
CA ALA A 329 -1.39 10.87 -6.76
C ALA A 329 -0.70 11.72 -7.77
N GLN A 330 -1.35 12.82 -8.17
CA GLN A 330 -0.77 13.75 -9.13
C GLN A 330 0.47 14.47 -8.61
N GLU A 331 0.38 15.01 -7.41
CA GLU A 331 1.51 15.70 -6.80
C GLU A 331 2.75 14.79 -6.71
N VAL A 332 2.55 13.57 -6.25
CA VAL A 332 3.64 12.61 -6.07
C VAL A 332 4.24 12.11 -7.39
N ILE A 333 3.43 12.00 -8.43
CA ILE A 333 3.93 11.63 -9.75
C ILE A 333 4.85 12.71 -10.33
N GLN A 334 4.48 13.98 -10.12
CA GLN A 334 5.21 15.11 -10.70
C GLN A 334 6.21 15.75 -9.74
N ARG A 335 6.55 15.02 -8.67
CA ARG A 335 7.62 15.39 -7.72
C ARG A 335 7.47 16.82 -7.21
#